data_8C8P
#
_entry.id   8C8P
#
_cell.length_a   1.00
_cell.length_b   1.00
_cell.length_c   1.00
_cell.angle_alpha   90.00
_cell.angle_beta   90.00
_cell.angle_gamma   90.00
#
_symmetry.space_group_name_H-M   'P 1'
#
loop_
_entity.id
_entity.type
_entity.pdbx_description
1 polymer 'Heavy-chain-only antibody 10D12'
2 polymer 'Spike glycoprotein,SARS-CoV-2 spike glycoprotein'
#
loop_
_entity_poly.entity_id
_entity_poly.type
_entity_poly.pdbx_seq_one_letter_code
_entity_poly.pdbx_strand_id
1 'polypeptide(L)'
;MEFGLSWLFLVAILKGVQCEVQLVETGGGLIQPGGSLRLSCAVSGFTVSLNYMSWVRQAPGKGLEWVSSIYSGGSTFYAD
SVKGRFTISRDNSKNTLYLQMNSLRAEDTAVYYCARGLGFGELPPFDFWGQGTLVTVSSEPKSCDKTHTCPPCPAPELLG
GPSVFLFPPKPKDTLMISRTPEVTCVVVDVSHEDPEVKFNWYVDGVEVHNAKTKPREEQYNSTYRVVSVLTVLHQDWLNG
KEYKCKVSNKALPAPIEKTISKAKGQPREPQVYTLPPSREEMTKNQVSLTCLVKGFYPSDIAVEWESNGQPENNYKTTPP
VLDSDGSFFLYSKLTVDKSRWQQGNVFSCSVMHEALHNHYTQKSLSLSPGK
;
H
2 'polypeptide(L)'
;MFVFLVLLPLVSSQCVNLTTRTQLPPAYTNSFTRGVYYPDKVFRSSVLHSTQDLFLPFFSNVTWFHAIHVSGTNGTKRFD
NPVLPFNDGVYFASTEKSNIIRGWIFGTTLDSKTQSLLIVNNATNVVIKVCEFQFCNDPFLGVYYHKNNKSWMESEFRVY
SSANNCTFEYVSQPFLMDLEGKQGNFKNLREFVFKNIDGYFKIYSKHTPINLVRDLPQGFSALEPLVDLPIGINITRFQT
LLALHRSYLTPGDSSSGWTAGAAAYYVGYLQPRTFLLKYNENGTITDAVDCALDPLSETKCTLKSFTVEKGIYQTSNFRV
QPTESIVRFPNITNLCPFGEVFNATRFASVYAWNRKRISNCVADYSVLYNSASFSTFKCYGVSPTKLNDLCFTNVYADSF
VIRGDEVRQIAPGQTGKIADYNYKLPDDFTGCVIAWNSNNLDSKVGGNYNYLYRLFRKSNLKPFERDISTEIYQAGSTPC
NGVEGFNCYFPLQSYGFQPTNGVGYQPYRVVVLSFELLHAPATVCGPKKSTNLVKNKCVNFNFNGLTGTGVLTESNKKFL
PFQQFGRDIADTTDAVRDPQTLEILDITPCSFGGVSVITPGTNTSNQVAVLYQDVNCTEVPVAIHADQLTPTWRVYSTGS
NVFQTRAGCLIGAEHVNNSYECDIPIGAGICASYQTQTNSPAAARSVASQSIIAYTMSLGAENSVAYSNNSIAIPTNFTI
SVTTEILPVSMTKTSVDCTMYICGDSTECSNLLLQYGSFCTQLNRALTGIAVEQDKNTQEVFAQVKQIYKTPPIKDFGGF
NFSQILPDPSKPSKRSPIEDLLFNKVTLADAGFIKQYGDCLGDIAARDLICAQKFNGLTVLPPLLTDEMIAQYTSALLAG
TITSGWTFGAGPALQIPFPMQMAYRFNGIGVTQNVLYENQKLIANQFNSAIGKIQDSLSSTPSALGKLQDVVNQNAQALN
TLVKQLSSNFGAISSVLNDILSRLDPPEAEVQIDRLITGRLQSLQTYVTQQLIRAAEIRASANLAATKMSECVLGQSKRV
DFCGKGYHLMSFPQSAPHGVVFLHVTYVPAQEKNFTTAPAICHDGKAHFPREGVFVSNGTHWFVTQRNFYEPQIITTDNT
FVSGNCDVVIGIVNNTVYDPLQPELDSFKEELDKYFKNHTSPDVDLGDISGINASVVNIQKEIDRLNEVAKNLNESLIDL
QELGKYEQGSGYIPEAPRDGQAYVRKDGEWVLLSTFLGRSLEVLFQGPGHHHHHHHHSAWSHPQFEKGGGSGGGGSGGSA
WSHPQFEK
;
A
#
# COMPACT_ATOMS: atom_id res chain seq x y z
N GLU A 20 -3.12 -24.92 15.86
CA GLU A 20 -2.70 -25.57 14.63
C GLU A 20 -3.44 -24.95 13.45
N VAL A 21 -2.75 -24.82 12.31
CA VAL A 21 -3.34 -24.29 11.09
C VAL A 21 -3.47 -25.43 10.08
N GLN A 22 -4.70 -25.66 9.62
CA GLN A 22 -4.97 -26.68 8.62
C GLN A 22 -5.37 -26.01 7.31
N LEU A 23 -5.21 -26.74 6.21
CA LEU A 23 -5.44 -26.19 4.88
C LEU A 23 -6.24 -27.20 4.05
N VAL A 24 -7.23 -26.70 3.31
CA VAL A 24 -8.08 -27.54 2.47
C VAL A 24 -8.01 -27.01 1.04
N GLU A 25 -7.51 -27.84 0.12
CA GLU A 25 -7.43 -27.51 -1.29
C GLU A 25 -8.24 -28.52 -2.08
N THR A 26 -9.44 -28.11 -2.50
CA THR A 26 -10.35 -28.98 -3.24
C THR A 26 -10.98 -28.17 -4.36
N GLY A 27 -11.26 -28.82 -5.49
CA GLY A 27 -11.83 -28.14 -6.63
C GLY A 27 -11.24 -28.61 -7.95
N GLY A 28 -10.37 -29.61 -7.89
CA GLY A 28 -9.88 -30.23 -9.11
C GLY A 28 -10.99 -30.99 -9.82
N GLY A 29 -10.90 -31.02 -11.15
CA GLY A 29 -11.91 -31.69 -11.95
C GLY A 29 -11.72 -31.36 -13.41
N LEU A 30 -12.57 -31.98 -14.23
CA LEU A 30 -12.52 -31.83 -15.69
C LEU A 30 -13.09 -30.46 -16.05
N ILE A 31 -12.22 -29.55 -16.48
CA ILE A 31 -12.62 -28.18 -16.79
C ILE A 31 -12.08 -27.83 -18.18
N GLN A 32 -12.73 -26.87 -18.81
CA GLN A 32 -12.50 -26.41 -20.17
C GLN A 32 -12.18 -24.93 -20.13
N PRO A 33 -11.37 -24.43 -21.07
CA PRO A 33 -11.04 -22.99 -21.07
C PRO A 33 -12.23 -22.15 -21.48
N GLY A 34 -12.35 -20.99 -20.82
CA GLY A 34 -13.47 -20.10 -21.03
C GLY A 34 -14.64 -20.33 -20.10
N GLY A 35 -14.71 -21.49 -19.46
CA GLY A 35 -15.77 -21.82 -18.53
C GLY A 35 -15.48 -21.33 -17.13
N SER A 36 -16.01 -22.05 -16.15
CA SER A 36 -15.83 -21.62 -14.77
C SER A 36 -16.02 -22.80 -13.81
N LEU A 37 -15.43 -22.66 -12.63
CA LEU A 37 -15.69 -23.52 -11.49
C LEU A 37 -15.45 -22.70 -10.22
N ARG A 38 -15.34 -23.39 -9.08
CA ARG A 38 -15.16 -22.73 -7.80
C ARG A 38 -14.08 -23.44 -7.01
N LEU A 39 -13.27 -22.66 -6.29
CA LEU A 39 -12.19 -23.17 -5.47
C LEU A 39 -12.40 -22.71 -4.03
N SER A 40 -11.91 -23.50 -3.07
CA SER A 40 -12.08 -23.20 -1.66
C SER A 40 -10.78 -23.41 -0.90
N CYS A 41 -10.58 -22.60 0.13
CA CYS A 41 -9.45 -22.75 1.05
C CYS A 41 -9.96 -22.57 2.47
N ALA A 42 -9.76 -23.58 3.32
CA ALA A 42 -10.23 -23.56 4.69
C ALA A 42 -9.03 -23.50 5.64
N VAL A 43 -9.18 -22.73 6.71
CA VAL A 43 -8.08 -22.48 7.64
C VAL A 43 -8.61 -22.62 9.06
N SER A 44 -7.69 -22.87 9.99
CA SER A 44 -7.96 -22.90 11.41
C SER A 44 -7.01 -21.96 12.14
N GLY A 45 -7.41 -21.55 13.34
CA GLY A 45 -6.63 -20.57 14.08
C GLY A 45 -7.13 -19.15 13.86
N PHE A 46 -6.49 -18.43 12.95
CA PHE A 46 -6.86 -17.05 12.64
C PHE A 46 -8.08 -17.04 11.72
N THR A 47 -8.40 -15.86 11.19
CA THR A 47 -9.58 -15.68 10.34
C THR A 47 -9.17 -15.18 8.97
N VAL A 48 -9.93 -15.60 7.95
CA VAL A 48 -9.61 -15.25 6.57
C VAL A 48 -9.85 -13.77 6.29
N SER A 49 -10.80 -13.16 6.99
CA SER A 49 -11.18 -11.78 6.70
C SER A 49 -10.30 -10.77 7.43
N LEU A 50 -9.28 -11.23 8.15
CA LEU A 50 -8.48 -10.34 8.97
C LEU A 50 -6.97 -10.57 8.81
N ASN A 51 -6.57 -11.68 8.21
CA ASN A 51 -5.15 -12.00 8.02
C ASN A 51 -4.76 -11.72 6.58
N TYR A 52 -3.45 -11.81 6.32
CA TYR A 52 -2.87 -11.53 5.00
C TYR A 52 -2.76 -12.84 4.23
N MET A 53 -3.68 -13.06 3.29
CA MET A 53 -3.67 -14.26 2.47
C MET A 53 -3.15 -13.93 1.09
N SER A 54 -2.51 -14.92 0.45
CA SER A 54 -1.97 -14.74 -0.89
C SER A 54 -2.06 -16.06 -1.64
N TRP A 55 -2.51 -15.99 -2.90
CA TRP A 55 -2.67 -17.17 -3.74
C TRP A 55 -1.39 -17.43 -4.52
N VAL A 56 -0.95 -18.69 -4.52
CA VAL A 56 0.27 -19.09 -5.20
C VAL A 56 0.00 -20.41 -5.92
N ARG A 57 0.77 -20.67 -6.98
CA ARG A 57 0.56 -21.87 -7.77
C ARG A 57 1.90 -22.48 -8.16
N GLN A 58 1.87 -23.78 -8.47
CA GLN A 58 3.02 -24.51 -8.96
C GLN A 58 2.57 -25.35 -10.15
N ALA A 59 3.32 -25.29 -11.24
CA ALA A 59 3.01 -26.00 -12.47
C ALA A 59 4.27 -26.68 -12.98
N PRO A 60 4.13 -27.75 -13.76
CA PRO A 60 5.31 -28.31 -14.43
C PRO A 60 5.89 -27.32 -15.43
N GLY A 61 7.20 -27.17 -15.40
CA GLY A 61 7.85 -26.12 -16.16
C GLY A 61 7.68 -24.73 -15.60
N LYS A 62 7.20 -24.61 -14.36
CA LYS A 62 6.94 -23.32 -13.74
C LYS A 62 7.38 -23.38 -12.28
N GLY A 63 7.82 -22.24 -11.77
CA GLY A 63 8.20 -22.11 -10.37
C GLY A 63 7.01 -21.88 -9.47
N LEU A 64 7.30 -21.40 -8.26
CA LEU A 64 6.27 -21.11 -7.27
C LEU A 64 5.61 -19.79 -7.67
N GLU A 65 4.70 -19.87 -8.63
CA GLU A 65 4.14 -18.70 -9.27
C GLU A 65 3.05 -18.08 -8.41
N TRP A 66 3.23 -16.81 -8.06
CA TRP A 66 2.22 -16.07 -7.31
C TRP A 66 1.01 -15.80 -8.19
N VAL A 67 -0.18 -15.93 -7.60
CA VAL A 67 -1.43 -15.79 -8.36
C VAL A 67 -2.12 -14.47 -7.99
N SER A 68 -2.50 -14.33 -6.74
CA SER A 68 -3.25 -13.16 -6.30
C SER A 68 -3.08 -13.01 -4.80
N SER A 69 -3.67 -11.95 -4.25
CA SER A 69 -3.62 -11.69 -2.82
C SER A 69 -4.85 -10.90 -2.42
N ILE A 70 -5.21 -11.01 -1.15
CA ILE A 70 -6.30 -10.24 -0.55
C ILE A 70 -5.73 -9.51 0.66
N TYR A 71 -6.12 -8.25 0.82
CA TYR A 71 -5.63 -7.46 1.94
C TYR A 71 -6.62 -7.48 3.08
N SER A 72 -6.09 -7.31 4.30
CA SER A 72 -6.94 -7.33 5.49
C SER A 72 -7.88 -6.13 5.56
N GLY A 73 -7.56 -5.04 4.87
CA GLY A 73 -8.45 -3.89 4.86
C GLY A 73 -9.59 -3.99 3.88
N GLY A 74 -9.60 -5.03 3.04
CA GLY A 74 -10.68 -5.22 2.08
C GLY A 74 -10.22 -5.17 0.64
N SER A 75 -9.06 -4.57 0.39
CA SER A 75 -8.53 -4.46 -0.96
C SER A 75 -8.03 -5.82 -1.45
N THR A 76 -7.96 -5.94 -2.78
CA THR A 76 -7.48 -7.16 -3.42
C THR A 76 -6.48 -6.78 -4.50
N PHE A 77 -5.64 -7.75 -4.88
CA PHE A 77 -4.65 -7.52 -5.92
C PHE A 77 -4.35 -8.86 -6.59
N TYR A 78 -4.18 -8.82 -7.90
CA TYR A 78 -4.00 -10.00 -8.73
C TYR A 78 -2.70 -9.89 -9.52
N ALA A 79 -2.38 -10.94 -10.26
CA ALA A 79 -1.26 -10.90 -11.17
C ALA A 79 -1.68 -10.28 -12.50
N ASP A 80 -0.76 -10.29 -13.46
CA ASP A 80 -1.01 -9.68 -14.75
C ASP A 80 -2.02 -10.49 -15.57
N SER A 81 -1.84 -11.81 -15.65
CA SER A 81 -2.67 -12.62 -16.53
C SER A 81 -3.96 -13.08 -15.88
N VAL A 82 -4.11 -12.88 -14.56
CA VAL A 82 -5.29 -13.37 -13.86
C VAL A 82 -6.19 -12.26 -13.37
N LYS A 83 -5.81 -11.00 -13.55
CA LYS A 83 -6.65 -9.88 -13.10
C LYS A 83 -7.89 -9.77 -13.98
N GLY A 84 -9.01 -9.50 -13.35
CA GLY A 84 -10.27 -9.32 -14.06
C GLY A 84 -11.09 -10.57 -14.28
N ARG A 85 -10.46 -11.62 -14.83
CA ARG A 85 -11.18 -12.87 -15.07
C ARG A 85 -11.50 -13.57 -13.75
N PHE A 86 -10.52 -13.71 -12.88
CA PHE A 86 -10.71 -14.30 -11.57
C PHE A 86 -11.28 -13.27 -10.60
N THR A 87 -11.96 -13.77 -9.58
CA THR A 87 -12.42 -12.94 -8.48
C THR A 87 -12.06 -13.63 -7.17
N ILE A 88 -11.89 -12.83 -6.13
CA ILE A 88 -11.56 -13.34 -4.81
C ILE A 88 -12.82 -13.30 -3.96
N SER A 89 -12.99 -14.32 -3.11
CA SER A 89 -14.19 -14.42 -2.29
C SER A 89 -13.80 -14.97 -0.92
N ARG A 90 -14.53 -14.53 0.11
CA ARG A 90 -14.29 -15.00 1.46
C ARG A 90 -15.56 -14.85 2.26
N ASP A 91 -15.70 -15.72 3.26
CA ASP A 91 -16.81 -15.67 4.21
C ASP A 91 -16.25 -15.45 5.60
N ASN A 92 -16.74 -14.42 6.28
CA ASN A 92 -16.16 -14.01 7.56
C ASN A 92 -16.44 -15.02 8.66
N SER A 93 -17.70 -15.44 8.80
CA SER A 93 -18.05 -16.34 9.89
C SER A 93 -17.68 -17.79 9.59
N LYS A 94 -17.46 -18.12 8.31
CA LYS A 94 -17.17 -19.50 7.95
C LYS A 94 -15.69 -19.81 8.07
N ASN A 95 -14.87 -18.80 8.40
CA ASN A 95 -13.40 -18.82 8.49
C ASN A 95 -12.72 -19.52 7.33
N THR A 96 -13.30 -19.49 6.13
CA THR A 96 -12.75 -20.13 4.96
C THR A 96 -12.73 -19.14 3.81
N LEU A 97 -11.96 -19.44 2.78
CA LEU A 97 -11.74 -18.54 1.67
C LEU A 97 -12.05 -19.25 0.36
N TYR A 98 -12.47 -18.47 -0.64
CA TYR A 98 -12.94 -19.02 -1.90
C TYR A 98 -12.23 -18.36 -3.07
N LEU A 99 -12.16 -19.10 -4.17
CA LEU A 99 -11.68 -18.56 -5.44
C LEU A 99 -12.66 -19.00 -6.51
N GLN A 100 -13.50 -18.07 -6.96
CA GLN A 100 -14.47 -18.35 -8.02
C GLN A 100 -13.76 -18.16 -9.34
N MET A 101 -13.15 -19.24 -9.83
CA MET A 101 -12.42 -19.20 -11.11
C MET A 101 -13.44 -19.06 -12.23
N ASN A 102 -13.39 -17.92 -12.93
CA ASN A 102 -14.33 -17.60 -13.99
C ASN A 102 -13.57 -17.18 -15.24
N SER A 103 -13.99 -17.71 -16.39
CA SER A 103 -13.47 -17.36 -17.71
C SER A 103 -11.95 -17.59 -17.78
N LEU A 104 -11.59 -18.86 -17.67
CA LEU A 104 -10.20 -19.27 -17.65
C LEU A 104 -9.66 -19.48 -19.07
N ARG A 105 -8.37 -19.81 -19.15
CA ARG A 105 -7.74 -20.16 -20.42
C ARG A 105 -7.10 -21.54 -20.31
N ALA A 106 -6.60 -22.02 -21.44
CA ALA A 106 -6.02 -23.35 -21.50
C ALA A 106 -4.71 -23.42 -20.71
N GLU A 107 -4.00 -22.31 -20.62
CA GLU A 107 -2.71 -22.26 -19.93
C GLU A 107 -2.84 -22.19 -18.41
N ASP A 108 -4.04 -22.40 -17.88
CA ASP A 108 -4.26 -22.37 -16.43
C ASP A 108 -4.05 -23.73 -15.77
N THR A 109 -3.58 -24.73 -16.51
CA THR A 109 -3.28 -26.04 -15.94
C THR A 109 -2.12 -25.95 -14.97
N ALA A 110 -2.41 -26.07 -13.68
CA ALA A 110 -1.40 -25.90 -12.63
C ALA A 110 -1.93 -26.51 -11.34
N VAL A 111 -1.10 -26.47 -10.30
CA VAL A 111 -1.48 -26.85 -8.95
C VAL A 111 -1.45 -25.59 -8.11
N TYR A 112 -2.63 -25.17 -7.63
CA TYR A 112 -2.76 -23.92 -6.90
C TYR A 112 -2.72 -24.20 -5.40
N TYR A 113 -1.95 -23.38 -4.68
CA TYR A 113 -1.75 -23.55 -3.25
C TYR A 113 -2.26 -22.32 -2.50
N CYS A 114 -2.97 -22.56 -1.41
CA CYS A 114 -3.41 -21.51 -0.50
C CYS A 114 -2.35 -21.30 0.57
N ALA A 115 -2.09 -20.05 0.91
CA ALA A 115 -1.00 -19.74 1.85
C ALA A 115 -1.27 -18.39 2.49
N ARG A 116 -0.48 -18.09 3.53
CA ARG A 116 -0.58 -16.83 4.26
C ARG A 116 0.73 -16.09 4.13
N GLY A 117 0.67 -14.86 3.60
CA GLY A 117 1.88 -14.06 3.46
C GLY A 117 2.18 -13.31 4.74
N LEU A 118 3.40 -13.51 5.26
CA LEU A 118 3.79 -12.85 6.49
C LEU A 118 4.23 -11.41 6.25
N GLY A 119 5.26 -11.22 5.43
CA GLY A 119 5.76 -9.88 5.15
C GLY A 119 5.63 -9.51 3.69
N PHE A 120 6.76 -9.38 3.00
CA PHE A 120 6.77 -8.94 1.61
C PHE A 120 8.06 -9.40 0.95
N GLY A 121 8.26 -8.96 -0.29
CA GLY A 121 9.44 -9.33 -1.05
C GLY A 121 9.10 -9.52 -2.51
N GLU A 122 9.85 -10.40 -3.16
CA GLU A 122 9.45 -10.86 -4.48
C GLU A 122 8.12 -11.60 -4.39
N LEU A 123 7.99 -12.48 -3.41
CA LEU A 123 6.74 -13.00 -2.90
C LEU A 123 6.73 -12.83 -1.39
N PRO A 124 5.56 -12.63 -0.79
CA PRO A 124 5.47 -12.61 0.68
C PRO A 124 5.88 -13.95 1.27
N PRO A 125 6.59 -13.94 2.40
CA PRO A 125 7.01 -15.22 3.01
C PRO A 125 5.82 -15.98 3.55
N PHE A 126 5.65 -17.21 3.06
CA PHE A 126 4.55 -18.07 3.48
C PHE A 126 5.09 -19.12 4.44
N ASP A 127 4.63 -19.06 5.69
CA ASP A 127 4.93 -20.08 6.68
C ASP A 127 4.10 -21.34 6.50
N PHE A 128 3.09 -21.30 5.63
CA PHE A 128 2.22 -22.44 5.37
C PHE A 128 2.15 -22.70 3.87
N TRP A 129 1.95 -23.97 3.52
CA TRP A 129 1.71 -24.38 2.15
C TRP A 129 0.38 -25.11 2.09
N GLY A 130 -0.32 -24.96 0.97
CA GLY A 130 -1.53 -25.72 0.75
C GLY A 130 -1.25 -27.18 0.46
N GLN A 131 -2.30 -27.99 0.58
CA GLN A 131 -2.19 -29.39 0.20
C GLN A 131 -2.17 -29.60 -1.31
N GLY A 132 -2.56 -28.58 -2.07
CA GLY A 132 -2.47 -28.63 -3.52
C GLY A 132 -3.63 -29.32 -4.20
N THR A 133 -4.17 -28.68 -5.22
CA THR A 133 -5.14 -29.29 -6.13
C THR A 133 -4.73 -28.96 -7.55
N LEU A 134 -4.71 -29.97 -8.41
CA LEU A 134 -4.16 -29.84 -9.75
C LEU A 134 -5.29 -29.48 -10.71
N VAL A 135 -5.17 -28.35 -11.39
CA VAL A 135 -6.19 -27.89 -12.32
C VAL A 135 -6.00 -28.63 -13.64
N THR A 136 -7.05 -29.33 -14.07
CA THR A 136 -7.00 -30.15 -15.28
C THR A 136 -7.84 -29.45 -16.34
N VAL A 137 -7.23 -28.52 -17.08
CA VAL A 137 -7.92 -27.88 -18.19
C VAL A 137 -7.85 -28.85 -19.37
N SER A 138 -8.91 -29.63 -19.55
CA SER A 138 -8.91 -30.63 -20.61
C SER A 138 -10.36 -30.94 -20.99
N SER A 139 -10.57 -31.23 -22.26
CA SER A 139 -11.90 -31.54 -22.76
C SER A 139 -11.93 -32.93 -23.39
N THR B 333 6.66 41.65 -2.42
CA THR B 333 7.00 42.18 -1.11
C THR B 333 6.41 41.33 0.01
N ASN B 334 7.08 41.34 1.17
CA ASN B 334 6.65 40.68 2.40
C ASN B 334 6.46 39.17 2.20
N LEU B 335 7.57 38.50 1.90
CA LEU B 335 7.56 37.06 1.71
C LEU B 335 7.70 36.34 3.05
N CYS B 336 7.07 35.17 3.14
CA CYS B 336 7.27 34.26 4.26
C CYS B 336 8.03 33.02 3.76
N PRO B 337 9.06 32.60 4.47
CA PRO B 337 9.87 31.47 4.01
C PRO B 337 9.19 30.13 4.25
N PHE B 338 9.35 29.24 3.28
CA PHE B 338 8.81 27.89 3.33
C PHE B 338 9.90 26.83 3.27
N GLY B 339 11.16 27.20 3.52
CA GLY B 339 12.27 26.29 3.41
C GLY B 339 12.44 25.33 4.55
N GLU B 340 11.63 25.45 5.61
CA GLU B 340 11.68 24.55 6.74
C GLU B 340 10.84 23.29 6.52
N VAL B 341 10.32 23.10 5.32
CA VAL B 341 9.54 21.90 5.00
C VAL B 341 10.21 21.16 3.84
N PHE B 342 10.36 21.85 2.70
CA PHE B 342 10.99 21.20 1.55
C PHE B 342 12.48 21.00 1.77
N ASN B 343 13.16 21.98 2.35
CA ASN B 343 14.58 21.86 2.70
C ASN B 343 14.77 21.57 4.18
N ALA B 344 13.86 20.80 4.77
CA ALA B 344 13.94 20.49 6.19
C ALA B 344 15.07 19.51 6.47
N THR B 345 15.57 19.56 7.71
CA THR B 345 16.69 18.71 8.09
C THR B 345 16.27 17.25 8.22
N ARG B 346 15.14 17.00 8.87
CA ARG B 346 14.72 15.64 9.19
C ARG B 346 13.21 15.54 9.11
N PHE B 347 12.73 14.41 8.61
CA PHE B 347 11.31 14.11 8.53
C PHE B 347 10.91 13.16 9.65
N ALA B 348 9.67 12.68 9.58
CA ALA B 348 9.14 11.70 10.52
C ALA B 348 8.65 10.48 9.74
N SER B 349 8.07 9.53 10.46
CA SER B 349 7.56 8.31 9.85
C SER B 349 6.24 8.59 9.14
N VAL B 350 5.80 7.61 8.34
CA VAL B 350 4.60 7.77 7.54
C VAL B 350 3.34 7.77 8.42
N TYR B 351 3.34 6.97 9.49
CA TYR B 351 2.19 6.94 10.37
C TYR B 351 2.26 8.00 11.45
N ALA B 352 3.34 8.77 11.51
CA ALA B 352 3.45 9.94 12.37
C ALA B 352 3.72 11.21 11.57
N TRP B 353 3.01 11.38 10.45
CA TRP B 353 3.26 12.51 9.56
C TRP B 353 2.82 13.82 10.21
N ASN B 354 3.55 14.89 9.91
CA ASN B 354 3.30 16.21 10.45
C ASN B 354 2.41 17.02 9.52
N ARG B 355 1.72 18.00 10.11
CA ARG B 355 0.89 18.94 9.37
C ARG B 355 1.35 20.36 9.70
N LYS B 356 1.45 21.19 8.68
CA LYS B 356 1.90 22.57 8.85
C LYS B 356 0.86 23.51 8.25
N ARG B 357 0.05 24.13 9.12
CA ARG B 357 -0.98 25.05 8.66
C ARG B 357 -0.33 26.34 8.20
N ILE B 358 -0.61 26.74 6.96
CA ILE B 358 -0.01 27.92 6.34
C ILE B 358 -1.13 28.87 5.94
N SER B 359 -1.03 30.12 6.39
CA SER B 359 -1.99 31.14 6.00
C SER B 359 -1.36 32.52 6.14
N ASN B 360 -1.93 33.49 5.41
CA ASN B 360 -1.60 34.91 5.51
C ASN B 360 -0.13 35.19 5.18
N CYS B 361 0.35 34.53 4.13
CA CYS B 361 1.71 34.77 3.63
C CYS B 361 1.68 34.69 2.11
N VAL B 362 2.85 34.60 1.50
CA VAL B 362 3.01 34.66 0.05
C VAL B 362 3.64 33.36 -0.41
N ALA B 363 3.07 32.76 -1.45
CA ALA B 363 3.59 31.54 -2.06
C ALA B 363 4.39 31.87 -3.31
N ASP B 364 5.38 31.01 -3.59
CA ASP B 364 6.29 31.15 -4.72
C ASP B 364 6.32 29.86 -5.53
N TYR B 365 5.13 29.37 -5.90
CA TYR B 365 4.97 28.04 -6.46
C TYR B 365 5.69 27.88 -7.80
N SER B 366 5.93 28.97 -8.53
CA SER B 366 6.64 28.88 -9.80
C SER B 366 8.09 28.46 -9.59
N VAL B 367 8.70 28.88 -8.49
CA VAL B 367 10.08 28.50 -8.20
C VAL B 367 10.19 27.00 -7.95
N LEU B 368 9.31 26.44 -7.13
CA LEU B 368 9.34 25.01 -6.87
C LEU B 368 8.89 24.20 -8.09
N TYR B 369 8.08 24.80 -8.96
CA TYR B 369 7.76 24.13 -10.22
C TYR B 369 8.97 24.07 -11.13
N ASN B 370 9.69 25.17 -11.28
CA ASN B 370 10.82 25.23 -12.18
C ASN B 370 12.12 24.81 -11.52
N SER B 371 12.05 24.24 -10.31
CA SER B 371 13.25 23.71 -9.66
C SER B 371 13.85 22.56 -10.45
N ALA B 372 13.00 21.69 -10.99
CA ALA B 372 13.39 20.53 -11.82
C ALA B 372 14.34 19.59 -11.10
N SER B 373 14.27 19.53 -9.77
CA SER B 373 15.10 18.64 -8.97
C SER B 373 14.28 17.53 -8.32
N PHE B 374 13.08 17.29 -8.82
CA PHE B 374 12.19 16.28 -8.27
C PHE B 374 11.82 15.29 -9.36
N SER B 375 11.95 13.99 -9.05
CA SER B 375 11.65 12.96 -10.03
C SER B 375 10.15 12.83 -10.27
N THR B 376 9.33 13.13 -9.26
CA THR B 376 7.88 12.99 -9.37
C THR B 376 7.24 14.32 -8.99
N PHE B 377 6.41 14.85 -9.88
CA PHE B 377 5.65 16.07 -9.60
C PHE B 377 4.29 15.94 -10.30
N LYS B 378 3.30 15.47 -9.54
CA LYS B 378 1.92 15.42 -9.99
C LYS B 378 1.11 16.36 -9.12
N CYS B 379 0.37 17.26 -9.76
CA CYS B 379 -0.37 18.31 -9.06
C CYS B 379 -1.84 18.17 -9.44
N TYR B 380 -2.62 17.54 -8.56
CA TYR B 380 -3.99 17.19 -8.89
C TYR B 380 -4.90 18.42 -8.85
N GLY B 381 -6.09 18.26 -9.41
CA GLY B 381 -7.08 19.32 -9.40
C GLY B 381 -6.88 20.38 -10.46
N VAL B 382 -5.73 21.03 -10.44
CA VAL B 382 -5.46 22.16 -11.32
C VAL B 382 -4.26 21.83 -12.21
N SER B 383 -4.11 22.62 -13.27
CA SER B 383 -2.94 22.52 -14.12
C SER B 383 -1.70 22.96 -13.34
N PRO B 384 -0.59 22.22 -13.45
CA PRO B 384 0.61 22.57 -12.67
C PRO B 384 1.25 23.89 -13.06
N THR B 385 1.09 24.34 -14.30
CA THR B 385 1.74 25.57 -14.75
C THR B 385 0.90 26.79 -14.39
N LYS B 386 -0.33 26.84 -14.87
CA LYS B 386 -1.17 28.03 -14.78
C LYS B 386 -1.97 28.09 -13.48
N LEU B 387 -1.52 27.39 -12.43
CA LEU B 387 -2.18 27.49 -11.14
C LEU B 387 -1.85 28.77 -10.39
N ASN B 388 -0.81 29.50 -10.83
CA ASN B 388 -0.33 30.66 -10.08
C ASN B 388 -1.34 31.81 -10.07
N ASP B 389 -2.27 31.84 -11.01
CA ASP B 389 -3.26 32.90 -11.06
C ASP B 389 -4.41 32.70 -10.08
N LEU B 390 -4.44 31.56 -9.38
CA LEU B 390 -5.50 31.28 -8.43
C LEU B 390 -4.89 30.84 -7.10
N CYS B 391 -5.39 31.40 -6.01
CA CYS B 391 -4.94 31.04 -4.67
C CYS B 391 -6.12 30.72 -3.79
N PHE B 392 -5.90 29.82 -2.83
CA PHE B 392 -6.92 29.25 -1.99
C PHE B 392 -6.76 29.74 -0.55
N THR B 393 -7.58 29.20 0.35
CA THR B 393 -7.64 29.69 1.72
C THR B 393 -6.45 29.19 2.53
N ASN B 394 -6.32 27.88 2.68
CA ASN B 394 -5.28 27.31 3.53
C ASN B 394 -4.53 26.22 2.78
N VAL B 395 -3.25 26.06 3.14
CA VAL B 395 -2.40 25.02 2.61
C VAL B 395 -1.75 24.31 3.78
N TYR B 396 -1.91 22.98 3.84
CA TYR B 396 -1.34 22.16 4.89
C TYR B 396 -0.22 21.31 4.30
N ALA B 397 0.95 21.39 4.91
CA ALA B 397 2.11 20.64 4.41
C ALA B 397 2.25 19.32 5.15
N ASP B 398 2.33 18.23 4.38
CA ASP B 398 2.47 16.90 4.94
C ASP B 398 3.73 16.27 4.38
N SER B 399 4.57 15.73 5.27
CA SER B 399 5.89 15.23 4.90
C SER B 399 6.08 13.82 5.42
N PHE B 400 6.54 12.93 4.54
CA PHE B 400 6.88 11.57 4.92
C PHE B 400 7.85 11.01 3.87
N VAL B 401 8.50 9.91 4.22
CA VAL B 401 9.43 9.24 3.32
C VAL B 401 8.96 7.79 3.13
N ILE B 402 8.91 7.35 1.87
CA ILE B 402 8.46 6.01 1.51
C ILE B 402 9.52 5.38 0.61
N ARG B 403 9.32 4.10 0.31
CA ARG B 403 10.18 3.41 -0.64
C ARG B 403 9.88 3.90 -2.06
N GLY B 404 10.84 3.73 -2.95
CA GLY B 404 10.75 4.29 -4.28
C GLY B 404 9.76 3.64 -5.21
N ASP B 405 9.18 2.50 -4.83
CA ASP B 405 8.26 1.79 -5.70
C ASP B 405 6.78 2.00 -5.37
N GLU B 406 6.44 2.51 -4.19
CA GLU B 406 5.06 2.86 -3.87
C GLU B 406 4.73 4.31 -4.18
N VAL B 407 5.48 4.94 -5.08
CA VAL B 407 5.22 6.34 -5.42
C VAL B 407 3.92 6.49 -6.21
N ARG B 408 3.49 5.45 -6.91
CA ARG B 408 2.21 5.51 -7.62
C ARG B 408 1.02 5.31 -6.70
N GLN B 409 1.25 4.88 -5.46
CA GLN B 409 0.15 4.61 -4.54
C GLN B 409 -0.40 5.88 -3.89
N ILE B 410 0.30 7.00 -4.00
CA ILE B 410 -0.21 8.27 -3.50
C ILE B 410 -1.03 8.88 -4.63
N ALA B 411 -2.32 8.56 -4.66
CA ALA B 411 -3.21 9.01 -5.72
C ALA B 411 -4.64 8.84 -5.25
N PRO B 412 -5.57 9.67 -5.72
CA PRO B 412 -6.98 9.44 -5.42
C PRO B 412 -7.48 8.16 -6.07
N GLY B 413 -8.23 7.38 -5.30
CA GLY B 413 -8.77 6.12 -5.79
C GLY B 413 -7.72 5.09 -6.12
N GLN B 414 -6.63 5.04 -5.36
CA GLN B 414 -5.55 4.10 -5.59
C GLN B 414 -5.34 3.25 -4.34
N THR B 415 -5.19 1.95 -4.55
CA THR B 415 -4.97 1.00 -3.46
C THR B 415 -3.49 0.64 -3.37
N GLY B 416 -3.16 -0.08 -2.32
CA GLY B 416 -1.80 -0.51 -2.08
C GLY B 416 -1.54 -0.68 -0.61
N LYS B 417 -0.27 -0.86 -0.26
CA LYS B 417 0.11 -1.06 1.14
C LYS B 417 -0.03 0.24 1.92
N ILE B 418 0.74 1.26 1.57
CA ILE B 418 0.66 2.53 2.27
C ILE B 418 -0.58 3.32 1.89
N ALA B 419 -1.18 3.03 0.74
CA ALA B 419 -2.40 3.71 0.34
C ALA B 419 -3.57 3.30 1.22
N ASP B 420 -3.62 2.03 1.63
CA ASP B 420 -4.72 1.52 2.43
C ASP B 420 -4.35 1.30 3.89
N TYR B 421 -3.10 1.51 4.27
CA TYR B 421 -2.66 1.24 5.64
C TYR B 421 -1.79 2.34 6.25
N ASN B 422 -1.29 3.28 5.47
CA ASN B 422 -0.46 4.33 6.05
C ASN B 422 -0.94 5.73 5.70
N TYR B 423 -1.44 5.94 4.49
CA TYR B 423 -1.90 7.28 4.09
C TYR B 423 -2.94 7.11 3.00
N LYS B 424 -4.17 7.51 3.28
CA LYS B 424 -5.29 7.39 2.36
C LYS B 424 -5.68 8.76 1.82
N LEU B 425 -5.81 8.86 0.51
CA LEU B 425 -6.18 10.08 -0.17
C LEU B 425 -7.68 10.13 -0.45
N PRO B 426 -8.28 11.31 -0.41
CA PRO B 426 -9.68 11.44 -0.82
C PRO B 426 -9.82 11.21 -2.32
N ASP B 427 -11.01 10.73 -2.71
CA ASP B 427 -11.27 10.45 -4.12
C ASP B 427 -11.32 11.74 -4.94
N ASP B 428 -11.86 12.82 -4.38
CA ASP B 428 -11.87 14.11 -5.05
C ASP B 428 -10.66 14.94 -4.62
N PHE B 429 -9.49 14.37 -4.86
CA PHE B 429 -8.23 14.98 -4.42
C PHE B 429 -7.83 16.07 -5.41
N THR B 430 -7.65 17.29 -4.91
CA THR B 430 -7.21 18.43 -5.72
C THR B 430 -5.87 18.96 -5.24
N GLY B 431 -5.12 18.17 -4.48
CA GLY B 431 -3.87 18.62 -3.89
C GLY B 431 -2.72 18.67 -4.85
N CYS B 432 -1.51 18.58 -4.30
CA CYS B 432 -0.30 18.74 -5.12
C CYS B 432 0.83 18.03 -4.39
N VAL B 433 1.28 16.90 -4.95
CA VAL B 433 2.27 16.04 -4.31
C VAL B 433 3.59 16.14 -5.05
N ILE B 434 4.68 16.22 -4.28
CA ILE B 434 6.04 16.30 -4.82
C ILE B 434 6.86 15.20 -4.20
N ALA B 435 7.60 14.46 -5.03
CA ALA B 435 8.47 13.40 -4.55
C ALA B 435 9.81 13.48 -5.28
N TRP B 436 10.86 13.05 -4.59
CA TRP B 436 12.19 13.02 -5.17
C TRP B 436 13.04 11.98 -4.45
N ASN B 437 14.12 11.56 -5.11
CA ASN B 437 15.02 10.57 -4.54
C ASN B 437 15.85 11.18 -3.41
N SER B 438 15.97 10.44 -2.30
CA SER B 438 16.65 10.95 -1.12
C SER B 438 17.53 9.90 -0.44
N ASN B 439 18.11 8.98 -1.22
CA ASN B 439 18.94 7.95 -0.63
C ASN B 439 20.27 8.51 -0.13
N ASN B 440 20.80 9.53 -0.81
CA ASN B 440 22.14 10.02 -0.56
C ASN B 440 22.28 10.78 0.76
N LEU B 441 21.18 11.13 1.42
CA LEU B 441 21.23 11.80 2.71
C LEU B 441 20.52 11.05 3.82
N ASP B 442 19.69 10.06 3.51
CA ASP B 442 18.98 9.29 4.52
C ASP B 442 19.30 7.81 4.53
N SER B 443 19.61 7.21 3.39
CA SER B 443 19.92 5.79 3.29
C SER B 443 21.41 5.60 3.56
N LYS B 444 21.77 5.45 4.83
CA LYS B 444 23.15 5.24 5.23
C LYS B 444 23.49 3.75 5.13
N VAL B 445 24.64 3.36 5.65
CA VAL B 445 25.11 1.98 5.53
C VAL B 445 24.30 1.08 6.46
N GLY B 446 23.83 -0.05 5.92
CA GLY B 446 23.11 -1.03 6.71
C GLY B 446 21.65 -0.76 6.92
N GLY B 447 21.12 0.35 6.42
CA GLY B 447 19.72 0.69 6.61
C GLY B 447 19.48 1.49 7.87
N ASN B 448 18.41 2.28 7.83
CA ASN B 448 18.04 3.16 8.94
C ASN B 448 16.80 2.61 9.63
N TYR B 449 16.86 2.57 10.96
CA TYR B 449 15.77 2.04 11.77
C TYR B 449 14.89 3.14 12.35
N ASN B 450 15.08 4.37 11.90
CA ASN B 450 14.38 5.52 12.46
C ASN B 450 13.03 5.76 11.80
N TYR B 451 12.65 4.95 10.81
CA TYR B 451 11.39 5.13 10.10
C TYR B 451 10.56 3.86 10.22
N LEU B 452 9.29 4.02 10.59
CA LEU B 452 8.38 2.92 10.84
C LEU B 452 7.14 3.08 9.97
N TYR B 453 6.67 1.97 9.40
CA TYR B 453 5.46 1.97 8.59
C TYR B 453 4.51 0.89 9.06
N ARG B 454 3.21 1.20 9.04
CA ARG B 454 2.21 0.28 9.55
C ARG B 454 1.97 -0.86 8.56
N LEU B 455 1.78 -2.06 9.10
CA LEU B 455 1.54 -3.26 8.29
C LEU B 455 0.10 -3.74 8.37
N PHE B 456 -0.43 -3.92 9.57
CA PHE B 456 -1.71 -4.57 9.78
C PHE B 456 -2.73 -3.60 10.34
N ARG B 457 -3.96 -3.69 9.85
CA ARG B 457 -5.08 -2.92 10.38
C ARG B 457 -6.36 -3.67 10.07
N LYS B 458 -7.39 -3.42 10.88
CA LYS B 458 -8.68 -4.09 10.70
C LYS B 458 -9.31 -3.72 9.37
N SER B 459 -9.25 -2.46 8.99
CA SER B 459 -9.82 -2.00 7.73
C SER B 459 -8.91 -0.94 7.13
N ASN B 460 -9.31 -0.38 5.99
CA ASN B 460 -8.59 0.73 5.39
C ASN B 460 -8.82 2.00 6.18
N LEU B 461 -7.79 2.85 6.22
CA LEU B 461 -7.92 4.15 6.87
C LEU B 461 -8.82 5.07 6.06
N LYS B 462 -9.50 5.97 6.77
CA LYS B 462 -10.27 7.02 6.11
C LYS B 462 -9.31 8.02 5.48
N PRO B 463 -9.74 8.73 4.44
CA PRO B 463 -8.91 9.79 3.87
C PRO B 463 -8.63 10.89 4.88
N PHE B 464 -7.40 11.39 4.85
CA PHE B 464 -6.88 12.39 5.77
C PHE B 464 -7.04 11.96 7.23
N GLU B 465 -6.39 10.85 7.56
CA GLU B 465 -6.45 10.28 8.90
C GLU B 465 -5.03 9.95 9.35
N ARG B 466 -4.71 10.29 10.60
CA ARG B 466 -3.43 9.93 11.21
C ARG B 466 -3.68 8.96 12.36
N ASP B 467 -2.79 7.99 12.51
CA ASP B 467 -2.89 6.98 13.56
C ASP B 467 -1.59 6.99 14.35
N ILE B 468 -1.59 7.68 15.49
CA ILE B 468 -0.44 7.73 16.39
C ILE B 468 -0.66 6.63 17.42
N SER B 469 -0.19 5.43 17.11
CA SER B 469 -0.45 4.28 17.96
C SER B 469 0.76 3.36 17.97
N THR B 470 1.06 2.81 19.15
CA THR B 470 2.08 1.77 19.30
C THR B 470 1.47 0.45 19.72
N GLU B 471 0.17 0.27 19.52
CA GLU B 471 -0.53 -0.92 19.95
C GLU B 471 -0.12 -2.13 19.12
N ILE B 472 0.23 -3.23 19.79
CA ILE B 472 0.53 -4.47 19.10
C ILE B 472 -0.76 -5.02 18.48
N TYR B 473 -0.67 -5.48 17.24
CA TYR B 473 -1.85 -5.89 16.50
C TYR B 473 -2.29 -7.28 16.91
N GLN B 474 -3.60 -7.49 16.95
CA GLN B 474 -4.20 -8.78 17.26
C GLN B 474 -4.69 -9.42 15.96
N ALA B 475 -4.12 -10.58 15.62
CA ALA B 475 -4.42 -11.24 14.35
C ALA B 475 -5.14 -12.57 14.53
N GLY B 476 -5.73 -12.83 15.69
CA GLY B 476 -6.45 -14.06 15.90
C GLY B 476 -7.60 -13.95 16.88
N SER B 477 -7.73 -14.94 17.77
CA SER B 477 -8.77 -14.93 18.78
C SER B 477 -8.25 -14.65 20.18
N THR B 478 -7.05 -15.09 20.51
CA THR B 478 -6.46 -14.75 21.80
C THR B 478 -6.13 -13.27 21.87
N PRO B 479 -6.25 -12.64 23.03
CA PRO B 479 -5.85 -11.23 23.15
C PRO B 479 -4.36 -11.06 22.92
N CYS B 480 -3.99 -9.96 22.27
CA CYS B 480 -2.60 -9.63 21.96
C CYS B 480 -2.32 -8.23 22.48
N ASN B 481 -1.88 -8.15 23.75
CA ASN B 481 -1.48 -6.90 24.35
C ASN B 481 -0.49 -7.23 25.47
N GLY B 482 0.78 -6.88 25.26
CA GLY B 482 1.84 -7.30 26.15
C GLY B 482 2.33 -8.70 25.93
N VAL B 483 1.80 -9.41 24.94
CA VAL B 483 2.22 -10.77 24.62
C VAL B 483 2.58 -10.82 23.14
N GLU B 484 3.50 -11.71 22.80
CA GLU B 484 3.98 -11.89 21.44
C GLU B 484 3.72 -13.32 20.99
N GLY B 485 4.23 -13.67 19.82
CA GLY B 485 4.08 -15.01 19.28
C GLY B 485 3.17 -15.06 18.08
N PHE B 486 2.41 -16.15 17.96
CA PHE B 486 1.50 -16.31 16.83
C PHE B 486 0.34 -15.34 16.95
N ASN B 487 0.06 -14.63 15.85
CA ASN B 487 -1.06 -13.68 15.69
C ASN B 487 -0.97 -12.47 16.61
N CYS B 488 0.09 -12.35 17.40
CA CYS B 488 0.36 -11.16 18.20
C CYS B 488 1.48 -10.41 17.47
N TYR B 489 1.08 -9.59 16.51
CA TYR B 489 2.00 -9.03 15.52
C TYR B 489 2.25 -7.56 15.81
N PHE B 490 3.51 -7.15 15.75
CA PHE B 490 3.82 -5.73 15.82
C PHE B 490 3.50 -5.09 14.48
N PRO B 491 2.62 -4.08 14.43
CA PRO B 491 2.21 -3.52 13.14
C PRO B 491 3.25 -2.64 12.48
N LEU B 492 4.26 -2.19 13.21
CA LEU B 492 5.24 -1.24 12.73
C LEU B 492 6.56 -1.95 12.46
N GLN B 493 7.13 -1.72 11.28
CA GLN B 493 8.37 -2.34 10.87
C GLN B 493 9.29 -1.28 10.28
N SER B 494 10.60 -1.52 10.38
CA SER B 494 11.59 -0.56 9.90
C SER B 494 11.77 -0.70 8.39
N TYR B 495 12.79 -0.03 7.86
CA TYR B 495 13.12 -0.11 6.44
C TYR B 495 14.59 -0.43 6.27
N GLY B 496 14.88 -1.34 5.35
CA GLY B 496 16.27 -1.65 5.03
C GLY B 496 16.75 -0.85 3.84
N PHE B 497 17.48 0.22 4.09
CA PHE B 497 17.92 1.14 3.04
C PHE B 497 19.44 1.22 3.06
N GLN B 498 20.09 0.28 2.38
CA GLN B 498 21.51 0.22 2.11
C GLN B 498 21.85 1.11 0.92
N PRO B 499 23.08 1.63 0.85
CA PRO B 499 23.45 2.49 -0.30
C PRO B 499 23.49 1.78 -1.64
N THR B 500 23.54 0.44 -1.65
CA THR B 500 23.61 -0.33 -2.89
C THR B 500 22.24 -0.81 -3.36
N ASN B 501 21.17 -0.16 -2.90
CA ASN B 501 19.83 -0.55 -3.31
C ASN B 501 19.55 -0.17 -4.75
N GLY B 502 18.60 -0.87 -5.36
CA GLY B 502 18.17 -0.58 -6.71
C GLY B 502 17.23 0.61 -6.75
N VAL B 503 16.78 0.91 -7.97
CA VAL B 503 15.95 2.10 -8.20
C VAL B 503 14.57 1.97 -7.57
N GLY B 504 14.09 0.75 -7.34
CA GLY B 504 12.78 0.55 -6.75
C GLY B 504 12.76 0.37 -5.24
N TYR B 505 13.91 0.46 -4.59
CA TYR B 505 14.01 0.24 -3.15
C TYR B 505 14.83 1.32 -2.49
N GLN B 506 14.52 2.58 -2.83
CA GLN B 506 15.24 3.72 -2.30
C GLN B 506 14.29 4.64 -1.54
N PRO B 507 14.76 5.31 -0.49
CA PRO B 507 13.87 6.21 0.28
C PRO B 507 13.57 7.48 -0.49
N TYR B 508 12.28 7.73 -0.71
CA TYR B 508 11.82 8.92 -1.43
C TYR B 508 11.09 9.81 -0.44
N ARG B 509 11.64 11.00 -0.18
CA ARG B 509 10.98 11.97 0.67
C ARG B 509 9.82 12.58 -0.10
N VAL B 510 8.59 12.33 0.36
CA VAL B 510 7.39 12.71 -0.36
C VAL B 510 6.67 13.79 0.43
N VAL B 511 6.39 14.90 -0.23
CA VAL B 511 5.66 16.01 0.36
C VAL B 511 4.43 16.29 -0.50
N VAL B 512 3.30 16.56 0.15
CA VAL B 512 2.04 16.81 -0.53
C VAL B 512 1.41 18.06 0.08
N LEU B 513 0.84 18.90 -0.78
CA LEU B 513 0.19 20.14 -0.37
C LEU B 513 -1.30 20.01 -0.57
N SER B 514 -2.07 20.21 0.50
CA SER B 514 -3.52 20.11 0.44
C SER B 514 -4.12 21.51 0.39
N PHE B 515 -5.00 21.73 -0.58
CA PHE B 515 -5.60 23.04 -0.81
C PHE B 515 -6.98 23.08 -0.18
N GLU B 516 -7.25 24.14 0.58
CA GLU B 516 -8.50 24.30 1.32
C GLU B 516 -9.29 25.47 0.75
N LEU B 517 -10.60 25.27 0.61
CA LEU B 517 -11.51 26.32 0.20
C LEU B 517 -12.72 26.31 1.13
N LEU B 518 -13.10 27.48 1.63
CA LEU B 518 -14.20 27.62 2.56
C LEU B 518 -14.75 29.03 2.43
N HIS B 519 -15.64 29.42 3.35
CA HIS B 519 -16.14 30.78 3.38
C HIS B 519 -15.06 31.78 3.77
N ALA B 520 -14.00 31.33 4.44
CA ALA B 520 -12.90 32.20 4.76
C ALA B 520 -12.17 32.62 3.47
N PRO B 521 -11.71 33.86 3.38
CA PRO B 521 -11.07 34.31 2.13
C PRO B 521 -9.72 33.68 1.91
N ALA B 522 -9.29 33.69 0.65
CA ALA B 522 -7.98 33.17 0.27
C ALA B 522 -6.88 34.06 0.85
N THR B 523 -5.75 33.43 1.17
CA THR B 523 -4.69 34.16 1.85
C THR B 523 -3.33 34.07 1.18
N VAL B 524 -2.97 32.94 0.60
CA VAL B 524 -1.58 32.65 0.25
C VAL B 524 -1.44 32.62 -1.27
N CYS B 525 -1.04 33.75 -1.84
CA CYS B 525 -0.60 33.87 -3.24
C CYS B 525 0.09 35.21 -3.41
N GLY B 526 0.88 35.31 -4.48
CA GLY B 526 1.61 36.53 -4.76
C GLY B 526 2.38 36.49 -6.07
#